data_7X70
#
_entry.id   7X70
#
_cell.length_a   80.100
_cell.length_b   80.100
_cell.length_c   53.127
_cell.angle_alpha   90.000
_cell.angle_beta   90.000
_cell.angle_gamma   120.000
#
_symmetry.space_group_name_H-M   'P 65'
#
loop_
_entity.id
_entity.type
_entity.pdbx_description
1 polymer 'E3 ubiquitin-protein ligase TRIM7'
2 polymer peptide
3 water water
#
loop_
_entity_poly.entity_id
_entity_poly.type
_entity_poly.pdbx_seq_one_letter_code
_entity_poly.pdbx_strand_id
1 'polypeptide(L)'
;KEEKVELTLDPDTANPRLILSLDLKGVRLGERAQDLPNHPCRFDTNTRVLASCGFSSGRHHWEVEVGSKDGWAFGVARES
VRRKGLTPFTPEEGVWALQLNGGQYWAVTSPERSPLSCGHLSRVRVALDLEVGAVSFYAVEDMRHLYTFRVNFQERVFPL
FSVCSTGTYLRIWP
;
A
2 'polypeptide(L)' AVKLQ B
#
# COMPACT_ATOMS: atom_id res chain seq x y z
N VAL A 5 -1.15 1.16 -19.48
CA VAL A 5 -0.54 2.42 -19.05
C VAL A 5 -0.75 2.67 -17.55
N GLU A 6 -2.01 2.64 -17.11
CA GLU A 6 -2.31 2.97 -15.72
C GLU A 6 -2.27 1.70 -14.87
N LEU A 7 -2.04 1.88 -13.57
CA LEU A 7 -1.81 0.75 -12.69
C LEU A 7 -3.11 -0.01 -12.43
N THR A 8 -3.00 -1.31 -12.24
CA THR A 8 -4.08 -2.14 -11.76
C THR A 8 -3.53 -3.06 -10.67
N LEU A 9 -4.42 -3.53 -9.81
CA LEU A 9 -4.06 -4.45 -8.74
C LEU A 9 -3.86 -5.84 -9.31
N ASP A 10 -2.91 -6.57 -8.76
CA ASP A 10 -2.54 -7.85 -9.33
C ASP A 10 -3.22 -8.94 -8.53
N PRO A 11 -4.26 -9.62 -9.06
CA PRO A 11 -4.99 -10.61 -8.26
C PRO A 11 -4.13 -11.76 -7.78
N ASP A 12 -3.05 -12.10 -8.47
CA ASP A 12 -2.28 -13.26 -8.03
C ASP A 12 -1.48 -12.97 -6.76
N THR A 13 -1.29 -11.70 -6.41
CA THR A 13 -0.60 -11.36 -5.16
C THR A 13 -1.56 -11.19 -4.00
N ALA A 14 -2.86 -11.04 -4.28
CA ALA A 14 -3.78 -10.56 -3.24
C ALA A 14 -4.06 -11.63 -2.20
N ASN A 15 -4.02 -11.22 -0.94
CA ASN A 15 -4.55 -12.06 0.12
C ASN A 15 -5.97 -12.51 -0.23
N PRO A 16 -6.29 -13.78 -0.03
CA PRO A 16 -7.59 -14.29 -0.51
C PRO A 16 -8.81 -13.73 0.21
N ARG A 17 -8.63 -13.02 1.34
CA ARG A 17 -9.74 -12.34 1.99
C ARG A 17 -10.08 -11.00 1.36
N LEU A 18 -9.17 -10.43 0.58
CA LEU A 18 -9.44 -9.15 -0.07
C LEU A 18 -10.44 -9.35 -1.22
N ILE A 19 -11.25 -8.31 -1.47
CA ILE A 19 -12.09 -8.28 -2.65
C ILE A 19 -11.58 -7.17 -3.54
N LEU A 20 -11.18 -7.53 -4.76
CA LEU A 20 -10.71 -6.56 -5.74
C LEU A 20 -11.90 -6.15 -6.61
N SER A 21 -11.98 -4.87 -6.93
N SER A 21 -11.99 -4.86 -6.93
CA SER A 21 -13.09 -4.42 -7.77
CA SER A 21 -13.07 -4.40 -7.77
C SER A 21 -12.95 -5.02 -9.16
C SER A 21 -12.94 -5.01 -9.16
N LEU A 22 -14.06 -5.00 -9.89
CA LEU A 22 -14.06 -5.58 -11.23
C LEU A 22 -13.05 -4.91 -12.13
N ASP A 23 -12.91 -3.58 -12.01
CA ASP A 23 -11.95 -2.85 -12.82
C ASP A 23 -10.52 -2.96 -12.30
N LEU A 24 -10.28 -3.76 -11.24
CA LEU A 24 -8.96 -4.00 -10.68
C LEU A 24 -8.28 -2.73 -10.17
N LYS A 25 -9.07 -1.70 -9.82
CA LYS A 25 -8.52 -0.49 -9.24
C LYS A 25 -8.72 -0.41 -7.73
N GLY A 26 -9.75 -1.07 -7.21
CA GLY A 26 -10.14 -0.95 -5.82
C GLY A 26 -9.92 -2.21 -5.02
N VAL A 27 -9.74 -2.04 -3.74
CA VAL A 27 -9.57 -3.16 -2.82
C VAL A 27 -10.25 -2.85 -1.50
N ARG A 28 -10.95 -3.83 -0.97
CA ARG A 28 -11.48 -3.77 0.38
C ARG A 28 -11.31 -5.16 0.98
N LEU A 29 -11.60 -5.28 2.27
CA LEU A 29 -11.54 -6.58 2.92
C LEU A 29 -12.91 -7.23 2.89
N GLY A 30 -12.97 -8.49 2.42
CA GLY A 30 -14.19 -9.26 2.45
C GLY A 30 -14.39 -9.99 3.77
N GLU A 31 -15.53 -10.66 3.87
CA GLU A 31 -15.90 -11.38 5.08
C GLU A 31 -15.51 -12.86 5.05
N ARG A 32 -15.03 -13.35 3.90
CA ARG A 32 -14.65 -14.74 3.72
C ARG A 32 -13.41 -14.82 2.84
N ALA A 33 -12.64 -15.89 3.02
CA ALA A 33 -11.50 -16.17 2.17
C ALA A 33 -11.98 -16.80 0.87
N GLN A 34 -11.57 -16.24 -0.26
CA GLN A 34 -11.80 -16.89 -1.54
C GLN A 34 -10.90 -18.12 -1.65
N ASP A 35 -11.34 -19.08 -2.43
CA ASP A 35 -10.56 -20.29 -2.67
C ASP A 35 -9.71 -19.99 -3.90
N LEU A 36 -8.49 -19.49 -3.68
CA LEU A 36 -7.55 -19.12 -4.71
C LEU A 36 -6.29 -19.99 -4.61
N PRO A 37 -5.60 -20.21 -5.72
CA PRO A 37 -4.34 -20.98 -5.67
C PRO A 37 -3.28 -20.29 -4.80
N ASN A 38 -2.48 -21.10 -4.12
CA ASN A 38 -1.55 -20.60 -3.10
C ASN A 38 -0.17 -20.29 -3.71
N HIS A 39 -0.15 -19.41 -4.69
CA HIS A 39 1.05 -19.05 -5.45
C HIS A 39 2.13 -18.48 -4.52
N PRO A 40 3.41 -18.65 -4.87
CA PRO A 40 4.49 -18.06 -4.04
C PRO A 40 4.37 -16.55 -3.88
N CYS A 41 3.83 -15.85 -4.87
CA CYS A 41 3.71 -14.41 -4.77
C CYS A 41 2.51 -13.97 -3.94
N ARG A 42 1.62 -14.88 -3.54
CA ARG A 42 0.41 -14.44 -2.85
C ARG A 42 0.64 -14.22 -1.36
N PHE A 43 0.25 -13.05 -0.86
CA PHE A 43 0.26 -12.80 0.58
C PHE A 43 -0.77 -13.72 1.24
N ASP A 44 -0.32 -14.66 2.08
CA ASP A 44 -1.26 -15.64 2.60
C ASP A 44 -1.85 -15.28 3.95
N THR A 45 -1.32 -14.26 4.62
CA THR A 45 -1.77 -13.91 5.96
C THR A 45 -2.01 -12.41 6.09
N ASN A 46 -1.01 -11.60 5.80
CA ASN A 46 -1.21 -10.16 5.85
C ASN A 46 -2.10 -9.74 4.68
N THR A 47 -2.89 -8.70 4.91
CA THR A 47 -4.02 -8.33 4.04
C THR A 47 -3.57 -7.42 2.89
N ARG A 48 -2.61 -7.90 2.09
CA ARG A 48 -1.91 -7.06 1.13
C ARG A 48 -2.18 -7.51 -0.30
N VAL A 49 -1.97 -6.56 -1.21
CA VAL A 49 -1.98 -6.78 -2.65
C VAL A 49 -1.00 -5.80 -3.28
N LEU A 50 -0.32 -6.21 -4.35
CA LEU A 50 0.56 -5.33 -5.10
C LEU A 50 -0.09 -4.95 -6.42
N ALA A 51 0.37 -3.84 -7.01
CA ALA A 51 0.04 -3.58 -8.40
C ALA A 51 0.74 -4.59 -9.31
N SER A 52 0.23 -4.77 -10.52
CA SER A 52 0.88 -5.74 -11.41
C SER A 52 2.18 -5.22 -11.99
N CYS A 53 2.38 -3.90 -11.99
CA CYS A 53 3.61 -3.30 -12.51
C CYS A 53 4.54 -2.92 -11.36
N GLY A 54 5.82 -3.26 -11.53
CA GLY A 54 6.86 -2.84 -10.61
C GLY A 54 7.87 -2.01 -11.39
N PHE A 55 8.74 -1.34 -10.65
CA PHE A 55 9.67 -0.38 -11.22
C PHE A 55 11.08 -0.67 -10.73
N SER A 56 12.03 -0.69 -11.67
CA SER A 56 13.43 -0.87 -11.32
C SER A 56 14.26 0.39 -11.49
N SER A 57 13.74 1.38 -12.21
CA SER A 57 14.45 2.64 -12.44
C SER A 57 13.43 3.72 -12.72
N GLY A 58 13.89 4.96 -12.70
CA GLY A 58 13.05 6.07 -13.12
C GLY A 58 12.23 6.68 -12.01
N ARG A 59 11.37 7.60 -12.41
CA ARG A 59 10.47 8.34 -11.53
C ARG A 59 9.04 8.12 -11.99
N HIS A 60 8.14 7.90 -11.03
CA HIS A 60 6.80 7.45 -11.34
C HIS A 60 5.80 8.09 -10.40
N HIS A 61 4.61 8.38 -10.91
CA HIS A 61 3.50 8.87 -10.10
C HIS A 61 2.31 7.92 -10.20
N TRP A 62 1.56 7.81 -9.12
CA TRP A 62 0.21 7.28 -9.18
C TRP A 62 -0.59 7.94 -8.07
N GLU A 63 -1.91 7.76 -8.11
CA GLU A 63 -2.76 8.34 -7.09
C GLU A 63 -3.62 7.27 -6.47
N VAL A 64 -3.95 7.47 -5.19
CA VAL A 64 -4.72 6.51 -4.41
C VAL A 64 -5.84 7.26 -3.71
N GLU A 65 -7.09 6.91 -4.05
CA GLU A 65 -8.27 7.37 -3.32
C GLU A 65 -8.38 6.54 -2.04
N VAL A 66 -8.59 7.21 -0.90
CA VAL A 66 -8.53 6.53 0.38
C VAL A 66 -9.86 6.66 1.11
N GLY A 67 -10.28 5.60 1.79
CA GLY A 67 -11.46 5.67 2.62
C GLY A 67 -11.27 6.60 3.80
N SER A 68 -12.39 7.10 4.33
CA SER A 68 -12.34 8.00 5.46
C SER A 68 -12.15 7.27 6.80
N LYS A 69 -12.33 5.95 6.85
CA LYS A 69 -12.19 5.24 8.11
C LYS A 69 -10.99 4.29 8.15
N ASP A 70 -10.69 3.89 9.38
CA ASP A 70 -9.53 3.07 9.70
C ASP A 70 -9.50 1.78 8.90
N GLY A 71 -8.28 1.33 8.63
CA GLY A 71 -8.07 -0.02 8.17
C GLY A 71 -7.09 -0.14 7.03
N TRP A 72 -6.76 0.96 6.36
CA TRP A 72 -5.89 0.91 5.20
C TRP A 72 -4.46 1.33 5.49
N ALA A 73 -3.57 0.85 4.64
CA ALA A 73 -2.19 1.31 4.55
C ALA A 73 -1.78 1.15 3.09
N PHE A 74 -0.96 2.06 2.57
CA PHE A 74 -0.52 1.93 1.18
C PHE A 74 0.79 2.66 0.99
N GLY A 75 1.51 2.26 -0.04
CA GLY A 75 2.74 2.93 -0.42
C GLY A 75 3.48 2.07 -1.40
N VAL A 76 4.69 1.64 -1.04
CA VAL A 76 5.46 0.78 -1.92
C VAL A 76 6.10 -0.33 -1.09
N ALA A 77 6.39 -1.44 -1.77
CA ALA A 77 7.13 -2.54 -1.17
C ALA A 77 8.25 -2.97 -2.09
N ARG A 78 9.39 -3.33 -1.51
CA ARG A 78 10.40 -4.04 -2.29
C ARG A 78 9.85 -5.39 -2.74
N GLU A 79 10.25 -5.84 -3.93
CA GLU A 79 9.70 -7.09 -4.46
C GLU A 79 9.93 -8.26 -3.49
N SER A 80 11.06 -8.28 -2.77
CA SER A 80 11.35 -9.37 -1.86
C SER A 80 10.53 -9.33 -0.58
N VAL A 81 9.60 -8.38 -0.41
CA VAL A 81 8.71 -8.38 0.77
C VAL A 81 8.18 -9.80 0.99
N ARG A 82 8.23 -10.24 2.24
CA ARG A 82 7.83 -11.62 2.55
C ARG A 82 6.32 -11.80 2.37
N ARG A 83 5.94 -12.90 1.69
CA ARG A 83 4.54 -13.11 1.36
C ARG A 83 3.90 -14.12 2.31
N LYS A 84 4.69 -14.97 2.97
CA LYS A 84 4.15 -16.13 3.66
C LYS A 84 4.25 -16.01 5.18
N GLY A 85 3.16 -16.36 5.86
CA GLY A 85 3.09 -16.25 7.30
C GLY A 85 2.74 -14.83 7.71
N LEU A 86 2.52 -14.65 9.00
CA LEU A 86 2.27 -13.32 9.55
C LEU A 86 3.59 -12.56 9.63
N THR A 87 3.67 -11.40 8.95
CA THR A 87 4.90 -10.62 8.95
C THR A 87 4.66 -9.23 9.53
N PRO A 88 5.71 -8.58 10.04
CA PRO A 88 5.58 -7.18 10.46
C PRO A 88 5.29 -6.27 9.27
N PHE A 89 4.61 -5.15 9.55
CA PHE A 89 4.35 -4.12 8.54
C PHE A 89 5.28 -2.96 8.82
N THR A 90 6.54 -3.09 8.41
CA THR A 90 7.58 -2.16 8.83
C THR A 90 8.55 -1.89 7.68
N PRO A 91 9.29 -0.77 7.76
CA PRO A 91 10.33 -0.50 6.76
C PRO A 91 11.36 -1.60 6.67
N GLU A 92 11.67 -2.27 7.79
CA GLU A 92 12.69 -3.34 7.76
C GLU A 92 12.22 -4.50 6.89
N GLU A 93 10.92 -4.77 6.84
CA GLU A 93 10.35 -5.80 5.97
C GLU A 93 10.18 -5.30 4.54
N GLY A 94 10.60 -4.07 4.24
CA GLY A 94 10.53 -3.57 2.88
C GLY A 94 9.19 -2.98 2.52
N VAL A 95 8.48 -2.41 3.49
CA VAL A 95 7.22 -1.72 3.29
C VAL A 95 7.40 -0.26 3.69
N TRP A 96 7.04 0.65 2.79
CA TRP A 96 7.13 2.09 3.04
C TRP A 96 5.75 2.68 2.75
N ALA A 97 5.02 3.04 3.80
CA ALA A 97 3.59 3.25 3.67
C ALA A 97 3.07 4.33 4.61
N LEU A 98 1.92 4.89 4.23
CA LEU A 98 1.03 5.65 5.10
C LEU A 98 -0.10 4.74 5.57
N GLN A 99 -0.72 5.10 6.69
CA GLN A 99 -1.75 4.26 7.30
C GLN A 99 -2.77 5.12 8.01
N LEU A 100 -4.01 4.66 8.02
CA LEU A 100 -5.08 5.29 8.81
C LEU A 100 -5.49 4.27 9.87
N ASN A 101 -5.22 4.58 11.13
CA ASN A 101 -5.49 3.64 12.22
C ASN A 101 -5.71 4.44 13.48
N GLY A 102 -6.74 4.08 14.25
CA GLY A 102 -7.02 4.81 15.47
C GLY A 102 -7.46 6.23 15.22
N GLY A 103 -8.03 6.48 14.04
CA GLY A 103 -8.45 7.80 13.64
C GLY A 103 -7.33 8.75 13.34
N GLN A 104 -6.09 8.27 13.27
CA GLN A 104 -4.95 9.12 12.98
C GLN A 104 -4.28 8.63 11.71
N TYR A 105 -3.73 9.57 10.95
CA TYR A 105 -2.88 9.26 9.81
C TYR A 105 -1.46 9.12 10.29
N TRP A 106 -0.76 8.11 9.77
CA TRP A 106 0.59 7.78 10.19
C TRP A 106 1.45 7.58 8.97
N ALA A 107 2.71 8.01 9.08
CA ALA A 107 3.76 7.40 8.26
C ALA A 107 4.27 6.22 9.08
N VAL A 108 4.34 5.05 8.45
CA VAL A 108 4.68 3.84 9.19
C VAL A 108 6.20 3.70 9.30
N THR A 109 6.80 4.59 10.10
CA THR A 109 8.17 4.42 10.53
C THR A 109 8.20 3.37 11.64
N SER A 110 9.42 2.96 12.00
CA SER A 110 9.63 1.96 13.02
C SER A 110 10.82 2.37 13.88
N PRO A 111 10.84 1.98 15.15
CA PRO A 111 9.86 1.14 15.83
C PRO A 111 8.58 1.86 16.19
N GLU A 112 8.56 3.19 16.16
CA GLU A 112 7.33 3.94 16.41
C GLU A 112 6.88 4.64 15.13
N ARG A 113 5.57 4.59 14.87
CA ARG A 113 5.00 5.27 13.72
C ARG A 113 5.04 6.77 13.97
N SER A 114 4.93 7.54 12.88
CA SER A 114 5.01 9.00 12.94
C SER A 114 3.65 9.59 12.64
N PRO A 115 3.00 10.22 13.62
CA PRO A 115 1.66 10.74 13.38
C PRO A 115 1.72 11.96 12.48
N LEU A 116 0.82 12.03 11.51
CA LEU A 116 0.75 13.16 10.59
C LEU A 116 -0.41 14.07 10.91
N SER A 117 -0.14 15.37 11.05
CA SER A 117 -1.18 16.35 11.33
C SER A 117 -1.61 17.02 10.03
N CYS A 118 -2.09 16.20 9.11
CA CYS A 118 -2.34 16.58 7.74
C CYS A 118 -3.78 16.95 7.45
N GLY A 119 -4.69 16.75 8.40
CA GLY A 119 -6.09 16.96 8.11
C GLY A 119 -6.63 15.81 7.27
N HIS A 120 -7.88 15.93 6.91
CA HIS A 120 -8.56 14.84 6.23
C HIS A 120 -7.96 14.54 4.87
N LEU A 121 -7.79 13.26 4.54
CA LEU A 121 -7.25 12.84 3.25
C LEU A 121 -8.35 12.23 2.41
N SER A 122 -8.41 12.61 1.13
CA SER A 122 -9.33 12.03 0.16
C SER A 122 -8.61 11.26 -0.93
N ARG A 123 -7.56 11.85 -1.49
CA ARG A 123 -6.74 11.19 -2.49
C ARG A 123 -5.30 11.64 -2.29
N VAL A 124 -4.37 10.72 -2.49
CA VAL A 124 -2.96 10.98 -2.27
C VAL A 124 -2.19 10.68 -3.54
N ARG A 125 -1.27 11.57 -3.91
CA ARG A 125 -0.35 11.32 -5.02
C ARG A 125 0.94 10.74 -4.44
N VAL A 126 1.37 9.60 -4.98
CA VAL A 126 2.61 8.94 -4.62
C VAL A 126 3.64 9.24 -5.70
N ALA A 127 4.81 9.72 -5.28
CA ALA A 127 5.91 10.02 -6.20
C ALA A 127 7.08 9.14 -5.81
N LEU A 128 7.38 8.17 -6.65
CA LEU A 128 8.48 7.24 -6.45
C LEU A 128 9.65 7.70 -7.30
N ASP A 129 10.81 7.85 -6.69
CA ASP A 129 12.02 8.30 -7.40
C ASP A 129 13.10 7.25 -7.16
N LEU A 130 13.31 6.36 -8.12
CA LEU A 130 14.33 5.33 -8.00
C LEU A 130 15.70 5.83 -8.45
N GLU A 131 15.77 7.03 -9.01
CA GLU A 131 17.06 7.59 -9.39
C GLU A 131 17.78 8.14 -8.17
N VAL A 132 17.07 8.88 -7.32
CA VAL A 132 17.65 9.48 -6.13
C VAL A 132 17.40 8.61 -4.91
N GLY A 133 16.32 7.83 -4.92
CA GLY A 133 16.00 6.95 -3.81
C GLY A 133 15.02 7.54 -2.80
N ALA A 134 13.77 7.71 -3.21
CA ALA A 134 12.80 8.30 -2.29
C ALA A 134 11.40 7.87 -2.74
N VAL A 135 10.49 7.82 -1.76
CA VAL A 135 9.07 7.73 -2.07
C VAL A 135 8.36 8.78 -1.24
N SER A 136 7.54 9.59 -1.89
CA SER A 136 6.89 10.73 -1.25
C SER A 136 5.40 10.67 -1.48
N PHE A 137 4.67 11.27 -0.55
CA PHE A 137 3.22 11.27 -0.57
C PHE A 137 2.70 12.68 -0.38
N TYR A 138 1.70 13.08 -1.19
CA TYR A 138 1.16 14.44 -1.19
C TYR A 138 -0.37 14.35 -1.19
N ALA A 139 -1.04 15.21 -0.41
CA ALA A 139 -2.49 15.25 -0.47
C ALA A 139 -2.91 16.09 -1.68
N VAL A 140 -3.78 15.55 -2.54
CA VAL A 140 -3.91 16.17 -3.87
C VAL A 140 -4.58 17.54 -3.88
N GLU A 141 -5.39 17.90 -2.87
CA GLU A 141 -6.09 19.18 -2.92
C GLU A 141 -5.15 20.36 -3.09
N ASP A 142 -4.01 20.33 -2.40
CA ASP A 142 -3.04 21.41 -2.47
C ASP A 142 -1.62 20.88 -2.62
N MET A 143 -1.45 19.58 -2.82
CA MET A 143 -0.14 18.92 -2.87
C MET A 143 0.68 19.17 -1.61
N ARG A 144 0.02 19.37 -0.47
CA ARG A 144 0.80 19.46 0.76
C ARG A 144 1.55 18.15 0.97
N HIS A 145 2.77 18.27 1.48
CA HIS A 145 3.61 17.10 1.70
C HIS A 145 3.14 16.34 2.91
N LEU A 146 3.00 15.02 2.75
CA LEU A 146 2.60 14.17 3.85
C LEU A 146 3.82 13.51 4.49
N TYR A 147 4.67 12.86 3.68
CA TYR A 147 5.86 12.20 4.20
C TYR A 147 6.72 11.79 3.03
N THR A 148 8.03 11.72 3.28
CA THR A 148 8.98 11.14 2.33
C THR A 148 9.84 10.13 3.06
N PHE A 149 9.86 8.89 2.58
CA PHE A 149 10.89 7.93 2.99
C PHE A 149 12.05 8.02 2.00
N ARG A 150 13.26 8.24 2.50
CA ARG A 150 14.46 8.22 1.68
C ARG A 150 15.09 6.84 1.86
N VAL A 151 15.18 6.09 0.76
CA VAL A 151 15.61 4.70 0.77
C VAL A 151 16.52 4.49 -0.42
N ASN A 152 17.67 3.87 -0.18
CA ASN A 152 18.51 3.39 -1.28
C ASN A 152 17.96 2.03 -1.73
N PHE A 153 16.93 2.09 -2.57
CA PHE A 153 16.28 0.86 -3.04
C PHE A 153 17.27 0.00 -3.82
N GLN A 154 17.27 -1.29 -3.54
CA GLN A 154 18.27 -2.20 -4.10
C GLN A 154 17.65 -3.28 -4.96
N GLU A 155 16.39 -3.11 -5.36
CA GLU A 155 15.67 -4.09 -6.15
C GLU A 155 14.41 -3.41 -6.70
N ARG A 156 13.64 -4.16 -7.46
N ARG A 156 13.63 -4.17 -7.45
CA ARG A 156 12.38 -3.69 -8.03
CA ARG A 156 12.37 -3.69 -8.03
C ARG A 156 11.39 -3.36 -6.91
C ARG A 156 11.40 -3.34 -6.91
N VAL A 157 10.65 -2.26 -7.11
CA VAL A 157 9.70 -1.73 -6.12
C VAL A 157 8.30 -1.76 -6.72
N PHE A 158 7.33 -2.22 -5.94
CA PHE A 158 5.93 -2.30 -6.38
C PHE A 158 5.02 -1.42 -5.55
N PRO A 159 4.02 -0.81 -6.17
CA PRO A 159 2.93 -0.19 -5.39
C PRO A 159 2.27 -1.26 -4.52
N LEU A 160 2.04 -0.89 -3.25
CA LEU A 160 1.53 -1.78 -2.21
C LEU A 160 0.24 -1.22 -1.61
N PHE A 161 -0.72 -2.09 -1.31
CA PHE A 161 -2.02 -1.73 -0.72
C PHE A 161 -2.37 -2.78 0.31
N SER A 162 -2.93 -2.33 1.44
CA SER A 162 -3.34 -3.26 2.49
C SER A 162 -4.62 -2.73 3.11
N VAL A 163 -5.57 -3.62 3.36
CA VAL A 163 -6.84 -3.27 4.01
C VAL A 163 -7.14 -4.38 5.00
N CYS A 164 -7.07 -4.07 6.30
CA CYS A 164 -7.14 -5.11 7.31
C CYS A 164 -8.42 -5.10 8.11
N SER A 165 -9.36 -4.21 7.80
CA SER A 165 -10.68 -4.26 8.41
C SER A 165 -11.71 -3.87 7.36
N THR A 166 -12.95 -4.27 7.59
CA THR A 166 -14.06 -3.86 6.74
C THR A 166 -14.37 -2.38 6.99
N GLY A 167 -15.19 -1.79 6.14
CA GLY A 167 -15.54 -0.41 6.38
C GLY A 167 -14.57 0.61 5.81
N THR A 168 -13.59 0.20 5.01
CA THR A 168 -12.74 1.16 4.32
C THR A 168 -12.24 0.53 3.02
N TYR A 169 -11.49 1.31 2.24
CA TYR A 169 -11.04 0.83 0.94
C TYR A 169 -9.87 1.69 0.48
N LEU A 170 -9.23 1.21 -0.59
CA LEU A 170 -8.27 2.01 -1.35
C LEU A 170 -8.60 1.81 -2.82
N ARG A 171 -8.30 2.81 -3.63
CA ARG A 171 -8.63 2.75 -5.05
C ARG A 171 -7.59 3.53 -5.85
N ILE A 172 -6.98 2.87 -6.83
CA ILE A 172 -6.07 3.53 -7.76
C ILE A 172 -6.88 4.47 -8.62
N TRP A 173 -6.39 5.69 -8.80
CA TRP A 173 -7.12 6.70 -9.55
C TRP A 173 -6.18 7.28 -10.59
N PRO A 174 -6.63 7.39 -11.84
CA PRO A 174 -5.77 7.81 -12.92
C PRO A 174 -6.59 8.51 -13.99
N ALA B 1 -7.34 -4.76 14.22
CA ALA B 1 -6.93 -5.82 13.31
C ALA B 1 -5.61 -5.47 12.65
N VAL B 2 -5.02 -4.37 13.12
CA VAL B 2 -3.83 -3.82 12.45
C VAL B 2 -2.67 -4.81 12.43
N LYS B 3 -2.69 -5.82 13.29
CA LYS B 3 -1.66 -6.86 13.28
C LYS B 3 -1.51 -7.51 11.91
N LEU B 4 -2.57 -7.59 11.12
CA LEU B 4 -2.51 -8.25 9.83
C LEU B 4 -2.23 -7.29 8.67
N GLN B 5 -1.99 -6.02 8.96
CA GLN B 5 -1.71 -5.08 7.89
C GLN B 5 -0.56 -5.57 7.02
#